data_5YXM
#
_entry.id   5YXM
#
_cell.length_a   53.536
_cell.length_b   69.230
_cell.length_c   74.775
_cell.angle_alpha   90.00
_cell.angle_beta   90.00
_cell.angle_gamma   90.00
#
_symmetry.space_group_name_H-M   'P 21 21 21'
#
loop_
_entity.id
_entity.type
_entity.pdbx_description
1 polymer 'Dynein light chain 1, axonemal'
2 non-polymer 'PHOSPHATE ION'
3 water water
#
_entity_poly.entity_id   1
_entity_poly.type   'polypeptide(L)'
_entity_poly.pdbx_seq_one_letter_code
;GPLGSMAKATTIKDAIRIFEERKSVVATEAEKVELHGMIPPIEKMDATLSTLKACKHLALSTNNIEKISSLSGMENLRIL
SLGRNLIKKIENLDAVADTLEELWISYNQIASLSGIEKLVNLRVLYMSNNKITNWGEIDKLAALDKLEDLLLAGNPLYND
YKENNATSEYRIEVVKRLPNLKKLDGMPVDVDEREQANVARGG
;
_entity_poly.pdbx_strand_id   A
#
# COMPACT_ATOMS: atom_id res chain seq x y z
N LYS A 8 10.92 24.79 6.43
CA LYS A 8 10.69 24.16 7.73
C LYS A 8 10.51 22.65 7.59
N ALA A 9 9.64 22.21 6.70
CA ALA A 9 9.46 20.77 6.50
C ALA A 9 10.79 20.13 6.11
N THR A 10 11.00 18.91 6.58
CA THR A 10 12.21 18.18 6.20
C THR A 10 12.14 17.79 4.73
N THR A 11 13.20 18.11 3.98
CA THR A 11 13.29 17.69 2.58
C THR A 11 13.81 16.26 2.47
N ILE A 12 13.60 15.66 1.31
CA ILE A 12 14.13 14.31 1.08
C ILE A 12 15.65 14.30 1.29
N LYS A 13 16.35 15.29 0.73
CA LYS A 13 17.79 15.36 0.90
C LYS A 13 18.18 15.36 2.37
N ASP A 14 17.52 16.20 3.17
CA ASP A 14 17.85 16.27 4.58
C ASP A 14 17.51 14.99 5.31
N ALA A 15 16.37 14.37 4.98
CA ALA A 15 16.01 13.09 5.60
C ALA A 15 17.02 12.00 5.25
N ILE A 16 17.52 11.99 4.01
CA ILE A 16 18.54 11.02 3.64
C ILE A 16 19.80 11.23 4.48
N ARG A 17 20.21 12.49 4.68
CA ARG A 17 21.39 12.77 5.50
C ARG A 17 21.20 12.27 6.93
N ILE A 18 20.01 12.44 7.48
CA ILE A 18 19.71 11.95 8.83
C ILE A 18 19.82 10.43 8.87
N PHE A 19 19.25 9.76 7.88
CA PHE A 19 19.32 8.31 7.76
C PHE A 19 20.77 7.81 7.66
N GLU A 20 21.59 8.44 6.81
CA GLU A 20 22.97 8.00 6.67
C GLU A 20 23.74 8.16 7.97
N GLU A 21 23.45 9.21 8.73
CA GLU A 21 24.17 9.41 9.99
C GLU A 21 23.71 8.40 11.02
N ARG A 22 22.42 8.08 11.04
CA ARG A 22 21.90 7.10 12.01
C ARG A 22 22.39 5.71 11.68
N LYS A 23 22.43 5.35 10.40
CA LYS A 23 22.68 3.97 10.01
C LYS A 23 24.08 3.72 9.48
N SER A 24 24.89 4.78 9.31
CA SER A 24 26.29 4.66 8.86
C SER A 24 26.40 3.88 7.55
N VAL A 25 25.58 4.28 6.57
CA VAL A 25 25.61 3.67 5.25
C VAL A 25 25.50 4.77 4.22
N VAL A 26 25.89 4.44 2.99
CA VAL A 26 25.69 5.33 1.85
C VAL A 26 24.30 5.06 1.31
N ALA A 27 23.44 6.09 1.29
CA ALA A 27 22.03 5.81 1.00
C ALA A 27 21.84 5.39 -0.44
N THR A 28 22.70 5.84 -1.36
CA THR A 28 22.55 5.43 -2.76
C THR A 28 22.74 3.94 -2.95
N GLU A 29 23.37 3.26 -2.00
CA GLU A 29 23.66 1.83 -2.07
C GLU A 29 22.76 0.99 -1.17
N ALA A 30 21.89 1.61 -0.39
CA ALA A 30 21.07 0.93 0.61
C ALA A 30 19.84 0.29 -0.01
N GLU A 31 19.55 -0.95 0.41
CA GLU A 31 18.30 -1.59 -0.03
C GLU A 31 17.09 -1.09 0.72
N LYS A 32 17.20 -0.78 2.01
CA LYS A 32 16.09 -0.24 2.78
C LYS A 32 16.50 1.15 3.21
N VAL A 33 15.76 2.15 2.75
CA VAL A 33 16.03 3.54 3.06
C VAL A 33 14.95 4.02 4.03
N GLU A 34 15.34 4.37 5.24
CA GLU A 34 14.39 4.68 6.33
C GLU A 34 14.28 6.19 6.47
N LEU A 35 13.19 6.76 5.94
CA LEU A 35 12.91 8.19 6.02
C LEU A 35 11.62 8.45 6.80
N HIS A 36 11.28 7.59 7.72
CA HIS A 36 10.01 7.71 8.42
C HIS A 36 10.13 8.57 9.66
N GLY A 37 9.03 9.24 10.00
CA GLY A 37 8.94 9.92 11.27
C GLY A 37 9.85 11.12 11.40
N MET A 38 10.05 11.87 10.32
CA MET A 38 10.96 13.02 10.43
C MET A 38 10.30 14.13 11.23
N ILE A 39 11.14 14.92 11.91
CA ILE A 39 10.68 16.10 12.65
C ILE A 39 11.53 17.29 12.23
N PRO A 40 10.96 18.30 11.56
CA PRO A 40 9.57 18.40 11.12
C PRO A 40 9.24 17.38 10.05
N PRO A 41 7.98 17.01 9.95
CA PRO A 41 7.61 15.97 8.98
C PRO A 41 7.98 16.33 7.55
N ILE A 42 8.29 15.30 6.76
CA ILE A 42 8.41 15.50 5.32
C ILE A 42 7.04 15.85 4.77
N GLU A 43 7.00 16.81 3.84
CA GLU A 43 5.75 17.17 3.19
C GLU A 43 5.72 16.82 1.71
N LYS A 44 6.86 16.73 1.05
CA LYS A 44 6.93 16.53 -0.40
C LYS A 44 7.95 15.47 -0.72
N MET A 45 7.55 14.53 -1.57
CA MET A 45 8.53 13.71 -2.27
C MET A 45 9.16 14.57 -3.36
N ASP A 46 10.41 14.24 -3.73
CA ASP A 46 11.07 15.07 -4.72
C ASP A 46 12.16 14.27 -5.43
N ALA A 47 12.80 14.96 -6.38
CA ALA A 47 13.74 14.33 -7.31
C ALA A 47 14.96 13.74 -6.61
N THR A 48 15.22 14.10 -5.36
CA THR A 48 16.34 13.50 -4.66
C THR A 48 16.14 11.99 -4.47
N LEU A 49 14.89 11.52 -4.52
CA LEU A 49 14.64 10.08 -4.46
C LEU A 49 15.32 9.35 -5.63
N SER A 50 15.54 10.03 -6.76
CA SER A 50 16.19 9.38 -7.89
C SER A 50 17.60 8.91 -7.56
N THR A 51 18.19 9.42 -6.48
CA THR A 51 19.54 8.99 -6.12
C THR A 51 19.55 7.62 -5.46
N LEU A 52 18.39 7.14 -5.01
CA LEU A 52 18.32 5.90 -4.23
C LEU A 52 18.25 4.70 -5.18
N LYS A 53 19.36 4.50 -5.89
CA LYS A 53 19.35 3.55 -7.00
CA LYS A 53 19.41 3.54 -6.99
C LYS A 53 19.22 2.11 -6.51
N ALA A 54 19.73 1.79 -5.32
CA ALA A 54 19.67 0.41 -4.84
C ALA A 54 18.41 0.11 -4.05
N CYS A 55 17.54 1.09 -3.86
CA CYS A 55 16.46 0.95 -2.89
C CYS A 55 15.40 -0.06 -3.34
N LYS A 56 15.16 -1.04 -2.48
CA LYS A 56 14.10 -2.02 -2.65
C LYS A 56 12.91 -1.74 -1.73
N HIS A 57 13.14 -1.02 -0.64
CA HIS A 57 12.10 -0.74 0.36
C HIS A 57 12.29 0.70 0.78
N LEU A 58 11.37 1.58 0.35
CA LEU A 58 11.42 3.00 0.66
C LEU A 58 10.40 3.26 1.75
N ALA A 59 10.86 3.67 2.94
CA ALA A 59 9.97 3.90 4.09
C ALA A 59 9.83 5.40 4.30
N LEU A 60 8.70 5.94 3.85
CA LEU A 60 8.38 7.36 3.99
C LEU A 60 7.18 7.54 4.92
N SER A 61 6.89 6.52 5.73
CA SER A 61 5.74 6.53 6.60
C SER A 61 5.89 7.57 7.71
N THR A 62 4.76 7.95 8.29
CA THR A 62 4.73 8.81 9.47
C THR A 62 5.37 10.16 9.15
N ASN A 63 4.82 10.81 8.13
CA ASN A 63 5.20 12.16 7.74
C ASN A 63 3.91 12.91 7.41
N ASN A 64 4.02 13.99 6.63
CA ASN A 64 2.87 14.82 6.28
C ASN A 64 2.74 14.90 4.76
N ILE A 65 3.04 13.81 4.06
CA ILE A 65 3.02 13.82 2.61
C ILE A 65 1.59 13.83 2.11
N GLU A 66 1.28 14.73 1.19
CA GLU A 66 -0.07 14.83 0.65
C GLU A 66 -0.21 14.20 -0.72
N LYS A 67 0.88 14.06 -1.45
CA LYS A 67 0.87 13.62 -2.84
C LYS A 67 1.95 12.60 -3.06
N ILE A 68 1.60 11.46 -3.68
CA ILE A 68 2.64 10.57 -4.20
C ILE A 68 3.25 11.26 -5.42
N SER A 69 4.59 11.33 -5.46
CA SER A 69 5.27 11.92 -6.61
C SER A 69 6.72 11.46 -6.63
N SER A 70 7.39 11.72 -7.74
CA SER A 70 8.86 11.73 -7.79
C SER A 70 9.50 10.37 -7.56
N LEU A 71 8.88 9.32 -8.11
CA LEU A 71 9.41 7.98 -7.90
C LEU A 71 10.37 7.53 -9.01
N SER A 72 10.70 8.38 -9.99
CA SER A 72 11.62 7.96 -11.04
C SER A 72 13.02 7.70 -10.51
N GLY A 73 13.73 6.78 -11.16
CA GLY A 73 15.12 6.53 -10.84
C GLY A 73 15.37 5.44 -9.81
N MET A 74 14.30 4.89 -9.22
CA MET A 74 14.45 3.78 -8.28
CA MET A 74 14.41 3.78 -8.27
C MET A 74 14.04 2.49 -8.99
N GLU A 75 15.00 1.95 -9.74
CA GLU A 75 14.76 0.89 -10.71
CA GLU A 75 14.71 0.90 -10.71
C GLU A 75 14.53 -0.47 -10.08
N ASN A 76 14.77 -0.63 -8.78
CA ASN A 76 14.60 -1.92 -8.12
CA ASN A 76 14.50 -1.94 -8.20
C ASN A 76 13.57 -1.86 -7.00
N LEU A 77 12.76 -0.80 -6.92
CA LEU A 77 11.84 -0.61 -5.81
C LEU A 77 10.78 -1.71 -5.77
N ARG A 78 10.69 -2.40 -4.64
CA ARG A 78 9.73 -3.48 -4.43
C ARG A 78 8.65 -3.11 -3.44
N ILE A 79 8.98 -2.35 -2.41
CA ILE A 79 8.05 -1.99 -1.32
C ILE A 79 8.04 -0.48 -1.22
N LEU A 80 6.87 0.11 -1.43
CA LEU A 80 6.68 1.54 -1.21
C LEU A 80 5.83 1.71 0.04
N SER A 81 6.43 2.31 1.07
CA SER A 81 5.81 2.40 2.39
C SER A 81 5.51 3.87 2.69
N LEU A 82 4.21 4.19 2.76
CA LEU A 82 3.71 5.56 2.90
C LEU A 82 2.63 5.66 3.98
N GLY A 83 2.53 4.67 4.86
CA GLY A 83 1.51 4.70 5.89
C GLY A 83 1.65 5.92 6.78
N ARG A 84 0.52 6.33 7.39
CA ARG A 84 0.50 7.50 8.28
C ARG A 84 1.05 8.74 7.58
N ASN A 85 0.38 9.10 6.49
CA ASN A 85 0.64 10.38 5.84
C ASN A 85 -0.71 11.05 5.60
N LEU A 86 -0.81 11.93 4.60
CA LEU A 86 -2.04 12.68 4.30
C LEU A 86 -2.48 12.47 2.86
N ILE A 87 -2.21 11.27 2.34
CA ILE A 87 -2.44 10.99 0.92
C ILE A 87 -3.91 10.70 0.67
N LYS A 88 -4.43 11.24 -0.44
CA LYS A 88 -5.81 11.03 -0.81
C LYS A 88 -5.98 10.19 -2.07
N LYS A 89 -4.96 10.13 -2.93
CA LYS A 89 -5.09 9.54 -4.25
C LYS A 89 -3.93 8.61 -4.56
N ILE A 90 -4.26 7.46 -5.15
CA ILE A 90 -3.29 6.55 -5.75
C ILE A 90 -2.97 7.08 -7.14
N GLU A 91 -1.73 7.52 -7.35
CA GLU A 91 -1.36 8.16 -8.61
C GLU A 91 0.16 8.25 -8.67
N ASN A 92 0.66 8.56 -9.88
CA ASN A 92 2.09 8.86 -10.12
C ASN A 92 3.00 7.70 -9.75
N LEU A 93 2.55 6.48 -10.06
CA LEU A 93 3.33 5.29 -9.78
C LEU A 93 3.88 4.62 -11.04
N ASP A 94 3.70 5.22 -12.21
CA ASP A 94 4.13 4.56 -13.43
C ASP A 94 5.60 4.20 -13.40
N ALA A 95 6.43 5.02 -12.77
CA ALA A 95 7.87 4.78 -12.84
C ALA A 95 8.28 3.52 -12.07
N VAL A 96 7.45 3.05 -11.15
CA VAL A 96 7.78 1.84 -10.38
C VAL A 96 6.84 0.68 -10.66
N ALA A 97 5.91 0.82 -11.61
CA ALA A 97 4.95 -0.25 -11.84
C ALA A 97 5.63 -1.54 -12.26
N ASP A 98 6.75 -1.46 -12.99
CA ASP A 98 7.37 -2.70 -13.47
C ASP A 98 8.03 -3.51 -12.37
N THR A 99 8.28 -2.95 -11.19
CA THR A 99 8.94 -3.69 -10.13
C THR A 99 8.16 -3.72 -8.83
N LEU A 100 7.19 -2.82 -8.62
CA LEU A 100 6.58 -2.70 -7.29
C LEU A 100 5.73 -3.92 -6.95
N GLU A 101 6.07 -4.56 -5.83
CA GLU A 101 5.33 -5.73 -5.36
C GLU A 101 4.43 -5.43 -4.16
N GLU A 102 4.72 -4.38 -3.40
CA GLU A 102 3.95 -4.11 -2.18
C GLU A 102 3.75 -2.61 -2.06
N LEU A 103 2.53 -2.24 -1.71
CA LEU A 103 2.19 -0.86 -1.40
C LEU A 103 1.62 -0.86 0.00
N TRP A 104 2.28 -0.16 0.90
CA TRP A 104 1.87 -0.06 2.30
C TRP A 104 1.41 1.37 2.50
N ILE A 105 0.11 1.56 2.69
CA ILE A 105 -0.39 2.94 2.69
C ILE A 105 -1.52 3.08 3.70
N SER A 106 -1.48 2.27 4.77
CA SER A 106 -2.47 2.36 5.85
C SER A 106 -2.43 3.75 6.50
N TYR A 107 -3.56 4.15 7.10
CA TYR A 107 -3.65 5.41 7.83
C TYR A 107 -3.35 6.58 6.90
N ASN A 108 -4.07 6.63 5.79
CA ASN A 108 -4.09 7.80 4.91
C ASN A 108 -5.57 8.13 4.71
N GLN A 109 -5.87 8.96 3.71
CA GLN A 109 -7.23 9.41 3.48
C GLN A 109 -7.74 9.01 2.10
N ILE A 110 -7.33 7.82 1.64
CA ILE A 110 -7.70 7.39 0.29
C ILE A 110 -9.13 6.90 0.27
N ALA A 111 -9.95 7.52 -0.59
CA ALA A 111 -11.34 7.14 -0.77
C ALA A 111 -11.59 6.44 -2.09
N SER A 112 -10.65 6.51 -3.03
CA SER A 112 -10.83 5.88 -4.33
C SER A 112 -9.62 5.01 -4.59
N LEU A 113 -9.86 3.83 -5.14
CA LEU A 113 -8.76 2.97 -5.58
C LEU A 113 -8.44 3.14 -7.06
N SER A 114 -9.04 4.11 -7.73
CA SER A 114 -8.64 4.42 -9.10
C SER A 114 -7.15 4.73 -9.15
N GLY A 115 -6.46 4.14 -10.13
CA GLY A 115 -5.03 4.24 -10.23
C GLY A 115 -4.29 3.00 -9.73
N ILE A 116 -4.89 2.22 -8.83
CA ILE A 116 -4.23 1.02 -8.33
C ILE A 116 -3.98 0.02 -9.45
N GLU A 117 -4.80 0.06 -10.51
CA GLU A 117 -4.68 -0.94 -11.57
C GLU A 117 -3.39 -0.81 -12.35
N LYS A 118 -2.66 0.29 -12.21
CA LYS A 118 -1.38 0.40 -12.88
C LYS A 118 -0.29 -0.44 -12.22
N LEU A 119 -0.49 -0.86 -10.97
CA LEU A 119 0.51 -1.66 -10.26
C LEU A 119 0.31 -3.15 -10.59
N VAL A 120 0.65 -3.49 -11.84
CA VAL A 120 0.30 -4.80 -12.38
C VAL A 120 1.00 -5.93 -11.67
N ASN A 121 2.13 -5.66 -11.00
CA ASN A 121 2.86 -6.70 -10.29
C ASN A 121 2.59 -6.73 -8.79
N LEU A 122 1.58 -6.00 -8.33
CA LEU A 122 1.35 -5.88 -6.89
C LEU A 122 0.93 -7.23 -6.31
N ARG A 123 1.60 -7.61 -5.22
CA ARG A 123 1.28 -8.81 -4.45
CA ARG A 123 1.27 -8.81 -4.45
C ARG A 123 0.64 -8.50 -3.10
N VAL A 124 1.01 -7.36 -2.49
CA VAL A 124 0.59 -7.00 -1.14
C VAL A 124 0.07 -5.57 -1.15
N LEU A 125 -1.13 -5.35 -0.62
CA LEU A 125 -1.69 -4.00 -0.49
C LEU A 125 -2.15 -3.85 0.95
N TYR A 126 -1.43 -3.06 1.73
CA TYR A 126 -1.83 -2.78 3.11
C TYR A 126 -2.45 -1.39 3.10
N MET A 127 -3.73 -1.30 3.36
CA MET A 127 -4.35 0.03 3.37
CA MET A 127 -4.40 -0.01 3.33
C MET A 127 -5.45 0.07 4.43
N SER A 128 -5.09 -0.35 5.63
CA SER A 128 -6.03 -0.20 6.75
C SER A 128 -6.30 1.28 6.99
N ASN A 129 -7.45 1.55 7.59
CA ASN A 129 -7.74 2.90 8.10
C ASN A 129 -7.60 3.97 7.02
N ASN A 130 -8.14 3.69 5.84
CA ASN A 130 -8.34 4.72 4.85
C ASN A 130 -9.83 5.04 4.79
N LYS A 131 -10.32 5.53 3.64
CA LYS A 131 -11.66 6.08 3.56
C LYS A 131 -12.49 5.39 2.48
N ILE A 132 -12.25 4.10 2.25
CA ILE A 132 -13.02 3.36 1.25
CA ILE A 132 -13.02 3.35 1.26
C ILE A 132 -14.40 3.03 1.84
N THR A 133 -15.45 3.42 1.11
CA THR A 133 -16.81 3.29 1.62
C THR A 133 -17.68 2.25 0.92
N ASN A 134 -17.24 1.63 -0.17
CA ASN A 134 -18.21 0.87 -0.94
C ASN A 134 -17.48 -0.17 -1.78
N TRP A 135 -18.25 -1.18 -2.20
CA TRP A 135 -17.69 -2.31 -2.91
C TRP A 135 -17.18 -1.97 -4.30
N GLY A 136 -17.71 -0.91 -4.93
CA GLY A 136 -17.22 -0.55 -6.25
C GLY A 136 -15.74 -0.21 -6.26
N GLU A 137 -15.21 0.25 -5.14
CA GLU A 137 -13.77 0.50 -5.07
C GLU A 137 -12.98 -0.80 -5.01
N ILE A 138 -13.48 -1.78 -4.24
CA ILE A 138 -12.82 -3.07 -4.14
C ILE A 138 -12.81 -3.79 -5.49
N ASP A 139 -13.89 -3.63 -6.27
CA ASP A 139 -13.94 -4.21 -7.61
C ASP A 139 -12.72 -3.82 -8.44
N LYS A 140 -12.15 -2.64 -8.18
CA LYS A 140 -11.02 -2.21 -8.96
C LYS A 140 -9.79 -3.07 -8.73
N LEU A 141 -9.73 -3.77 -7.60
CA LEU A 141 -8.60 -4.64 -7.31
C LEU A 141 -8.64 -5.94 -8.11
N ALA A 142 -9.77 -6.28 -8.72
CA ALA A 142 -9.86 -7.54 -9.43
C ALA A 142 -8.89 -7.63 -10.60
N ALA A 143 -8.44 -6.49 -11.12
CA ALA A 143 -7.51 -6.48 -12.23
C ALA A 143 -6.10 -6.95 -11.87
N LEU A 144 -5.77 -6.96 -10.58
CA LEU A 144 -4.40 -7.21 -10.12
C LEU A 144 -4.23 -8.72 -10.00
N ASP A 145 -3.66 -9.32 -11.05
CA ASP A 145 -3.57 -10.78 -11.17
CA ASP A 145 -3.66 -10.78 -11.08
C ASP A 145 -2.69 -11.42 -10.11
N LYS A 146 -1.78 -10.66 -9.49
CA LYS A 146 -0.85 -11.23 -8.51
C LYS A 146 -1.17 -10.83 -7.08
N LEU A 147 -2.27 -10.11 -6.85
CA LEU A 147 -2.58 -9.65 -5.50
C LEU A 147 -2.96 -10.83 -4.60
N GLU A 148 -2.21 -11.02 -3.51
CA GLU A 148 -2.44 -12.16 -2.63
CA GLU A 148 -2.43 -12.16 -2.62
C GLU A 148 -2.72 -11.78 -1.19
N ASP A 149 -2.30 -10.59 -0.74
CA ASP A 149 -2.42 -10.18 0.66
C ASP A 149 -3.00 -8.77 0.68
N LEU A 150 -4.15 -8.61 1.34
CA LEU A 150 -4.90 -7.35 1.33
C LEU A 150 -5.32 -7.02 2.75
N LEU A 151 -5.17 -5.76 3.14
CA LEU A 151 -5.62 -5.28 4.43
C LEU A 151 -6.54 -4.08 4.22
N LEU A 152 -7.81 -4.23 4.65
CA LEU A 152 -8.81 -3.17 4.56
C LEU A 152 -9.41 -2.78 5.90
N ALA A 153 -9.00 -3.44 6.99
CA ALA A 153 -9.57 -3.17 8.31
C ALA A 153 -9.54 -1.68 8.62
N GLY A 154 -10.64 -1.17 9.19
CA GLY A 154 -10.69 0.21 9.59
C GLY A 154 -11.17 1.16 8.52
N ASN A 155 -11.27 0.72 7.27
CA ASN A 155 -11.98 1.52 6.29
C ASN A 155 -13.47 1.49 6.61
N PRO A 156 -14.22 2.55 6.27
CA PRO A 156 -15.69 2.52 6.46
C PRO A 156 -16.35 1.25 5.98
N LEU A 157 -16.01 0.75 4.77
CA LEU A 157 -16.63 -0.47 4.26
C LEU A 157 -16.47 -1.64 5.22
N TYR A 158 -15.25 -1.82 5.73
CA TYR A 158 -15.01 -2.87 6.72
C TYR A 158 -15.82 -2.62 7.98
N ASN A 159 -15.79 -1.37 8.46
CA ASN A 159 -16.49 -1.05 9.71
C ASN A 159 -17.99 -1.25 9.59
N ASP A 160 -18.57 -1.00 8.41
CA ASP A 160 -20.00 -1.26 8.21
C ASP A 160 -20.35 -2.67 8.61
N TYR A 161 -19.57 -3.63 8.15
CA TYR A 161 -19.86 -5.04 8.46
C TYR A 161 -19.55 -5.35 9.92
N LYS A 162 -18.45 -4.83 10.44
CA LYS A 162 -18.14 -5.07 11.85
C LYS A 162 -19.24 -4.54 12.77
N GLU A 163 -19.78 -3.36 12.43
CA GLU A 163 -20.84 -2.76 13.22
C GLU A 163 -22.09 -3.64 13.28
N ASN A 164 -22.31 -4.44 12.26
CA ASN A 164 -23.43 -5.36 12.18
C ASN A 164 -23.04 -6.77 12.58
N ASN A 165 -21.86 -6.94 13.19
CA ASN A 165 -21.35 -8.26 13.57
CA ASN A 165 -21.37 -8.27 13.58
C ASN A 165 -21.36 -9.22 12.38
N ALA A 166 -20.90 -8.70 11.24
CA ALA A 166 -20.96 -9.44 9.98
C ALA A 166 -19.61 -9.41 9.25
N THR A 167 -18.51 -9.34 10.00
CA THR A 167 -17.20 -9.39 9.36
C THR A 167 -17.05 -10.66 8.52
N SER A 168 -17.62 -11.79 8.94
CA SER A 168 -17.50 -13.00 8.13
CA SER A 168 -17.49 -12.99 8.13
C SER A 168 -18.09 -12.80 6.75
N GLU A 169 -19.24 -12.09 6.69
CA GLU A 169 -19.89 -11.83 5.41
CA GLU A 169 -19.89 -11.83 5.41
C GLU A 169 -19.06 -10.90 4.55
N TYR A 170 -18.45 -9.89 5.17
CA TYR A 170 -17.52 -9.04 4.44
C TYR A 170 -16.38 -9.83 3.82
N ARG A 171 -15.85 -10.82 4.55
CA ARG A 171 -14.71 -11.57 4.00
C ARG A 171 -15.13 -12.35 2.76
N ILE A 172 -16.34 -12.93 2.78
CA ILE A 172 -16.81 -13.66 1.61
C ILE A 172 -16.99 -12.71 0.43
N GLU A 173 -17.48 -11.50 0.70
CA GLU A 173 -17.68 -10.54 -0.38
C GLU A 173 -16.35 -10.12 -0.99
N VAL A 174 -15.30 -10.00 -0.17
CA VAL A 174 -13.97 -9.71 -0.72
C VAL A 174 -13.52 -10.87 -1.61
N VAL A 175 -13.60 -12.11 -1.11
CA VAL A 175 -13.10 -13.24 -1.88
C VAL A 175 -13.94 -13.51 -3.13
N LYS A 176 -15.23 -13.15 -3.10
CA LYS A 176 -16.04 -13.25 -4.32
C LYS A 176 -15.43 -12.40 -5.43
N ARG A 177 -14.91 -11.24 -5.05
CA ARG A 177 -14.35 -10.32 -6.05
C ARG A 177 -12.90 -10.65 -6.38
N LEU A 178 -12.18 -11.22 -5.43
CA LEU A 178 -10.75 -11.46 -5.53
C LEU A 178 -10.51 -12.95 -5.29
N PRO A 179 -10.83 -13.79 -6.27
CA PRO A 179 -10.91 -15.23 -6.01
C PRO A 179 -9.60 -15.89 -5.62
N ASN A 180 -8.46 -15.32 -5.97
CA ASN A 180 -7.17 -15.91 -5.64
C ASN A 180 -6.47 -15.25 -4.46
N LEU A 181 -7.16 -14.37 -3.73
CA LEU A 181 -6.56 -13.77 -2.55
C LEU A 181 -6.17 -14.85 -1.54
N LYS A 182 -5.01 -14.69 -0.93
CA LYS A 182 -4.56 -15.70 0.02
C LYS A 182 -4.71 -15.26 1.48
N LYS A 183 -4.60 -13.98 1.75
CA LYS A 183 -4.64 -13.48 3.11
C LYS A 183 -5.42 -12.18 3.11
N LEU A 184 -6.29 -12.01 4.09
CA LEU A 184 -7.16 -10.85 4.20
C LEU A 184 -7.15 -10.36 5.64
N ASP A 185 -6.78 -9.09 5.83
CA ASP A 185 -6.75 -8.49 7.18
C ASP A 185 -5.94 -9.32 8.17
N GLY A 186 -4.81 -9.82 7.71
CA GLY A 186 -3.90 -10.56 8.54
C GLY A 186 -4.28 -12.01 8.78
N MET A 187 -5.39 -12.48 8.21
CA MET A 187 -5.91 -13.81 8.43
CA MET A 187 -5.90 -13.82 8.43
C MET A 187 -5.97 -14.57 7.12
N PRO A 188 -5.42 -15.77 7.03
CA PRO A 188 -5.50 -16.54 5.78
C PRO A 188 -6.94 -16.72 5.34
N VAL A 189 -7.16 -16.67 4.03
CA VAL A 189 -8.46 -17.02 3.50
C VAL A 189 -8.64 -18.52 3.67
N ASP A 190 -9.64 -18.91 4.47
CA ASP A 190 -9.86 -20.32 4.72
C ASP A 190 -10.48 -20.98 3.49
N VAL A 191 -10.16 -22.27 3.28
CA VAL A 191 -10.78 -23.03 2.20
C VAL A 191 -12.32 -22.91 2.27
N ASP A 192 -12.90 -22.89 3.49
CA ASP A 192 -14.34 -22.77 3.61
C ASP A 192 -14.83 -21.44 3.05
N GLU A 193 -14.03 -20.38 3.23
CA GLU A 193 -14.43 -19.07 2.72
C GLU A 193 -14.31 -19.05 1.20
N ARG A 194 -13.28 -19.68 0.67
CA ARG A 194 -13.14 -19.73 -0.76
C ARG A 194 -14.27 -20.51 -1.39
N GLU A 195 -14.69 -21.60 -0.74
CA GLU A 195 -15.77 -22.42 -1.27
C GLU A 195 -17.10 -21.67 -1.17
N GLN A 196 -17.34 -20.93 -0.08
CA GLN A 196 -18.54 -20.11 0.02
CA GLN A 196 -18.57 -20.15 -0.02
C GLN A 196 -18.57 -19.08 -1.09
N ALA A 197 -17.43 -18.44 -1.34
CA ALA A 197 -17.38 -17.45 -2.41
C ALA A 197 -17.60 -18.10 -3.76
N ASN A 198 -17.06 -19.31 -3.96
CA ASN A 198 -17.22 -20.01 -5.24
C ASN A 198 -18.67 -20.40 -5.48
N VAL A 199 -19.30 -21.02 -4.48
CA VAL A 199 -20.66 -21.54 -4.69
C VAL A 199 -21.63 -20.40 -4.89
N ALA A 200 -21.23 -19.16 -4.55
CA ALA A 200 -22.07 -17.99 -4.81
C ALA A 200 -21.67 -17.23 -6.07
N ARG A 201 -20.36 -17.09 -6.33
CA ARG A 201 -19.82 -16.37 -7.49
C ARG A 201 -20.28 -16.97 -8.83
#